data_1D2O
#
_entry.id   1D2O
#
_cell.length_a   96.907
_cell.length_b   101.538
_cell.length_c   121.000
_cell.angle_alpha   90.00
_cell.angle_beta   90.00
_cell.angle_gamma   90.00
#
_symmetry.space_group_name_H-M   'I 2 2 2'
#
loop_
_entity.id
_entity.type
_entity.pdbx_description
1 polymer 'COLLAGEN ADHESIN'
2 water water
#
_entity_poly.entity_id   1
_entity_poly.type   'polypeptide(L)'
_entity_poly.pdbx_seq_one_letter_code
;ETTSSIGEKVWDDKDNQDGKRPEKVSVNLLANGEKVKTLDVTSETNWKYEFKDLPKYDEGKKIEYTVTEDHVKDYTTDIN
GTTITNKYTPGETSATVTKNWDDNNNQDGKRPTEIKVELYQDGKATGKTAILNESNNWTHTWTGLDEKAKGQQVKYTVEE
LTKVKGYTTHVDNNDMGNLITTNKYTP
;
_entity_poly.pdbx_strand_id   A,B
#
# COMPACT_ATOMS: atom_id res chain seq x y z
N GLU A 1 27.17 -6.27 -31.27
CA GLU A 1 28.38 -6.86 -30.63
C GLU A 1 28.39 -6.68 -29.11
N THR A 2 28.67 -5.45 -28.65
CA THR A 2 28.71 -5.18 -27.22
C THR A 2 27.92 -3.92 -26.87
N THR A 3 27.33 -3.91 -25.68
CA THR A 3 26.54 -2.78 -25.22
C THR A 3 26.73 -2.63 -23.71
N SER A 4 26.00 -1.68 -23.11
CA SER A 4 26.08 -1.47 -21.68
C SER A 4 24.71 -1.06 -21.14
N SER A 5 24.44 -1.43 -19.90
CA SER A 5 23.17 -1.08 -19.28
C SER A 5 23.41 -0.17 -18.09
N ILE A 6 23.20 1.12 -18.31
CA ILE A 6 23.37 2.13 -17.29
C ILE A 6 22.03 2.56 -16.72
N GLY A 7 22.03 2.96 -15.46
CA GLY A 7 20.80 3.41 -14.85
C GLY A 7 21.06 3.95 -13.47
N GLU A 8 20.00 4.31 -12.78
CA GLU A 8 20.14 4.83 -11.43
C GLU A 8 18.97 4.46 -10.58
N LYS A 9 19.15 4.64 -9.28
CA LYS A 9 18.07 4.36 -8.37
C LYS A 9 17.68 5.72 -7.78
N VAL A 10 16.39 5.95 -7.66
CA VAL A 10 15.90 7.19 -7.10
C VAL A 10 14.97 6.86 -5.95
N TRP A 11 15.18 7.55 -4.83
CA TRP A 11 14.37 7.36 -3.64
C TRP A 11 13.23 8.35 -3.58
N ASP A 12 12.02 7.84 -3.38
CA ASP A 12 10.82 8.65 -3.27
C ASP A 12 10.32 8.41 -1.85
N ASP A 13 10.92 9.13 -0.90
CA ASP A 13 10.55 8.93 0.49
C ASP A 13 10.57 10.22 1.32
N LYS A 14 10.10 11.32 0.73
CA LYS A 14 10.08 12.60 1.43
C LYS A 14 11.43 12.92 2.07
N ASP A 15 12.50 12.75 1.29
CA ASP A 15 13.84 13.03 1.79
C ASP A 15 14.17 12.27 3.07
N ASN A 16 13.84 10.99 3.08
CA ASN A 16 14.13 10.09 4.20
C ASN A 16 13.73 10.65 5.56
N GLN A 17 12.60 11.35 5.61
CA GLN A 17 12.11 11.93 6.86
C GLN A 17 11.93 10.88 7.96
N ASP A 18 11.54 9.66 7.58
CA ASP A 18 11.36 8.62 8.58
C ASP A 18 12.67 7.92 8.93
N GLY A 19 13.73 8.23 8.18
CA GLY A 19 15.02 7.62 8.44
C GLY A 19 15.10 6.13 8.17
N LYS A 20 14.19 5.59 7.36
CA LYS A 20 14.17 4.17 7.05
C LYS A 20 14.97 3.78 5.81
N ARG A 21 15.52 4.75 5.09
CA ARG A 21 16.28 4.42 3.90
C ARG A 21 17.55 3.63 4.21
N PRO A 22 17.79 2.54 3.47
CA PRO A 22 18.97 1.71 3.68
C PRO A 22 20.20 2.28 2.97
N GLU A 23 21.38 1.81 3.35
CA GLU A 23 22.65 2.27 2.78
C GLU A 23 22.94 1.69 1.40
N LYS A 24 22.21 0.64 1.02
CA LYS A 24 22.46 0.02 -0.27
C LYS A 24 21.33 -0.88 -0.76
N VAL A 25 21.29 -1.07 -2.08
CA VAL A 25 20.30 -1.94 -2.69
C VAL A 25 21.08 -2.77 -3.68
N SER A 26 20.54 -3.92 -4.06
CA SER A 26 21.23 -4.78 -5.01
C SER A 26 20.44 -4.94 -6.27
N VAL A 27 21.06 -4.56 -7.38
CA VAL A 27 20.42 -4.64 -8.67
C VAL A 27 20.87 -5.87 -9.44
N ASN A 28 19.91 -6.57 -10.03
CA ASN A 28 20.20 -7.77 -10.80
C ASN A 28 19.96 -7.51 -12.28
N LEU A 29 20.86 -8.03 -13.10
CA LEU A 29 20.76 -7.90 -14.55
C LEU A 29 20.24 -9.23 -15.07
N LEU A 30 19.24 -9.19 -15.94
CA LEU A 30 18.72 -10.42 -16.50
C LEU A 30 18.87 -10.42 -18.01
N ALA A 31 19.34 -11.53 -18.54
CA ALA A 31 19.51 -11.68 -19.98
C ALA A 31 18.49 -12.74 -20.36
N ASN A 32 17.42 -12.30 -21.01
CA ASN A 32 16.36 -13.19 -21.43
C ASN A 32 15.78 -13.94 -20.23
N GLY A 33 15.53 -13.18 -19.15
CA GLY A 33 14.96 -13.75 -17.94
C GLY A 33 15.89 -14.51 -17.02
N GLU A 34 17.16 -14.57 -17.35
CA GLU A 34 18.12 -15.29 -16.50
C GLU A 34 19.07 -14.33 -15.81
N LYS A 35 19.15 -14.44 -14.48
CA LYS A 35 20.02 -13.58 -13.68
C LYS A 35 21.49 -13.93 -13.89
N VAL A 36 22.22 -13.04 -14.56
CA VAL A 36 23.63 -13.27 -14.82
C VAL A 36 24.62 -12.42 -14.01
N LYS A 37 24.18 -11.27 -13.51
CA LYS A 37 25.04 -10.40 -12.72
C LYS A 37 24.31 -9.59 -11.66
N THR A 38 25.06 -9.13 -10.66
CA THR A 38 24.50 -8.33 -9.59
C THR A 38 25.49 -7.23 -9.19
N LEU A 39 24.96 -6.12 -8.69
CA LEU A 39 25.78 -5.01 -8.26
C LEU A 39 25.11 -4.32 -7.09
N ASP A 40 25.90 -3.94 -6.11
CA ASP A 40 25.36 -3.22 -4.97
C ASP A 40 25.43 -1.75 -5.38
N VAL A 41 24.31 -1.05 -5.26
CA VAL A 41 24.25 0.36 -5.61
C VAL A 41 24.14 1.19 -4.33
N THR A 42 25.08 2.13 -4.17
CA THR A 42 25.13 2.98 -2.99
C THR A 42 25.33 4.46 -3.31
N SER A 43 25.45 5.26 -2.26
CA SER A 43 25.67 6.71 -2.40
C SER A 43 27.08 6.92 -2.93
N GLU A 44 28.00 6.05 -2.53
CA GLU A 44 29.37 6.12 -2.98
C GLU A 44 29.43 6.12 -4.50
N THR A 45 28.46 5.46 -5.13
CA THR A 45 28.42 5.41 -6.59
C THR A 45 27.39 6.43 -7.05
N ASN A 46 26.88 7.19 -6.09
CA ASN A 46 25.87 8.23 -6.33
C ASN A 46 24.53 7.64 -6.77
N TRP A 47 24.22 6.46 -6.27
CA TRP A 47 22.97 5.77 -6.62
C TRP A 47 22.88 5.51 -8.12
N LYS A 48 24.05 5.31 -8.72
CA LYS A 48 24.16 5.02 -10.14
C LYS A 48 24.80 3.64 -10.29
N TYR A 49 24.57 3.00 -11.42
CA TYR A 49 25.15 1.69 -11.67
C TYR A 49 25.24 1.48 -13.16
N GLU A 50 26.10 0.56 -13.55
CA GLU A 50 26.30 0.24 -14.95
C GLU A 50 26.93 -1.12 -15.13
N PHE A 51 26.37 -1.90 -16.05
CA PHE A 51 26.92 -3.21 -16.37
C PHE A 51 27.68 -3.01 -17.69
N LYS A 52 29.00 -3.01 -17.60
CA LYS A 52 29.87 -2.80 -18.76
C LYS A 52 29.87 -3.95 -19.76
N ASP A 53 30.50 -3.70 -20.90
CA ASP A 53 30.66 -4.65 -22.00
C ASP A 53 29.81 -5.91 -21.97
N LEU A 54 28.67 -5.86 -22.62
CA LEU A 54 27.77 -7.00 -22.66
C LEU A 54 27.42 -7.31 -24.11
N PRO A 55 27.33 -8.60 -24.45
CA PRO A 55 27.00 -8.95 -25.83
C PRO A 55 25.61 -8.43 -26.18
N LYS A 56 25.37 -8.14 -27.45
CA LYS A 56 24.07 -7.65 -27.88
C LYS A 56 23.24 -8.81 -28.40
N TYR A 57 23.89 -9.72 -29.11
CA TYR A 57 23.20 -10.85 -29.69
C TYR A 57 23.66 -12.17 -29.10
N ASP A 58 22.72 -13.11 -29.00
CA ASP A 58 22.99 -14.44 -28.50
C ASP A 58 22.72 -15.41 -29.64
N GLU A 59 23.75 -15.65 -30.45
CA GLU A 59 23.61 -16.56 -31.59
C GLU A 59 22.58 -15.95 -32.54
N GLY A 60 22.86 -14.75 -33.03
CA GLY A 60 21.95 -14.08 -33.94
C GLY A 60 20.88 -13.27 -33.23
N LYS A 61 20.09 -13.92 -32.36
CA LYS A 61 19.03 -13.26 -31.62
C LYS A 61 19.54 -12.10 -30.75
N LYS A 62 18.69 -11.09 -30.56
CA LYS A 62 19.04 -9.94 -29.74
C LYS A 62 18.69 -10.23 -28.28
N ILE A 63 19.67 -10.21 -27.39
CA ILE A 63 19.42 -10.48 -25.98
C ILE A 63 18.56 -9.37 -25.36
N GLU A 64 17.55 -9.76 -24.62
CA GLU A 64 16.67 -8.81 -23.98
C GLU A 64 17.12 -8.59 -22.54
N TYR A 65 17.70 -7.43 -22.26
CA TYR A 65 18.18 -7.10 -20.93
C TYR A 65 17.14 -6.38 -20.07
N THR A 66 17.02 -6.81 -18.81
CA THR A 66 16.09 -6.18 -17.86
C THR A 66 16.79 -6.16 -16.51
N VAL A 67 16.28 -5.35 -15.59
CA VAL A 67 16.88 -5.29 -14.28
C VAL A 67 15.79 -5.42 -13.22
N THR A 68 16.16 -6.03 -12.10
CA THR A 68 15.24 -6.19 -10.98
C THR A 68 16.02 -5.76 -9.76
N GLU A 69 15.35 -5.61 -8.63
CA GLU A 69 16.03 -5.18 -7.42
C GLU A 69 15.62 -6.08 -6.27
N ASP A 70 16.59 -6.55 -5.50
CA ASP A 70 16.26 -7.39 -4.36
C ASP A 70 15.36 -6.60 -3.44
N HIS A 71 14.33 -7.25 -2.94
CA HIS A 71 13.37 -6.62 -2.04
C HIS A 71 13.96 -5.68 -1.00
N VAL A 72 13.33 -4.52 -0.85
CA VAL A 72 13.76 -3.54 0.15
C VAL A 72 12.62 -3.39 1.14
N LYS A 73 12.92 -3.58 2.41
CA LYS A 73 11.93 -3.49 3.47
C LYS A 73 11.22 -2.14 3.49
N ASP A 74 9.89 -2.19 3.47
CA ASP A 74 9.05 -0.99 3.51
C ASP A 74 9.07 -0.11 2.27
N TYR A 75 9.63 -0.62 1.19
CA TYR A 75 9.67 0.15 -0.04
C TYR A 75 9.00 -0.61 -1.16
N THR A 76 8.23 0.11 -1.95
CA THR A 76 7.54 -0.46 -3.10
C THR A 76 8.39 -0.06 -4.30
N THR A 77 8.79 -1.05 -5.07
CA THR A 77 9.65 -0.80 -6.20
C THR A 77 8.97 -0.61 -7.53
N ASP A 78 9.44 0.37 -8.27
CA ASP A 78 8.94 0.62 -9.60
C ASP A 78 10.15 0.71 -10.52
N ILE A 79 10.18 -0.17 -11.51
CA ILE A 79 11.27 -0.19 -12.45
C ILE A 79 10.80 0.36 -13.78
N ASN A 80 11.51 1.35 -14.29
CA ASN A 80 11.15 1.92 -15.57
C ASN A 80 12.37 1.85 -16.46
N GLY A 81 12.51 0.74 -17.17
CA GLY A 81 13.64 0.53 -18.07
C GLY A 81 14.94 1.15 -17.57
N THR A 82 15.60 0.45 -16.66
CA THR A 82 16.88 0.93 -16.11
C THR A 82 16.78 1.91 -14.94
N THR A 83 15.73 2.72 -14.90
CA THR A 83 15.56 3.67 -13.79
C THR A 83 14.71 3.00 -12.71
N ILE A 84 15.31 2.77 -11.55
CA ILE A 84 14.62 2.12 -10.46
C ILE A 84 14.18 3.08 -9.35
N THR A 85 12.88 3.14 -9.11
CA THR A 85 12.33 4.02 -8.09
C THR A 85 11.77 3.25 -6.90
N ASN A 86 12.20 3.64 -5.71
CA ASN A 86 11.74 3.02 -4.49
C ASN A 86 10.91 4.02 -3.70
N LYS A 87 9.62 3.74 -3.57
CA LYS A 87 8.72 4.60 -2.83
C LYS A 87 8.52 4.04 -1.43
N TYR A 88 8.67 4.90 -0.43
CA TYR A 88 8.50 4.51 0.94
C TYR A 88 7.03 4.22 1.18
N THR A 89 6.72 2.97 1.50
CA THR A 89 5.35 2.54 1.76
C THR A 89 5.42 1.60 2.96
N PRO A 90 5.53 2.18 4.16
CA PRO A 90 5.63 1.38 5.38
C PRO A 90 4.56 0.29 5.53
N GLY A 91 5.02 -0.93 5.78
CA GLY A 91 4.12 -2.06 5.96
C GLY A 91 3.74 -2.71 4.64
N GLU A 92 4.06 -2.05 3.55
CA GLU A 92 3.73 -2.58 2.22
C GLU A 92 4.96 -2.73 1.36
N THR A 93 4.81 -3.40 0.22
CA THR A 93 5.94 -3.57 -0.68
C THR A 93 5.48 -4.11 -2.02
N SER A 94 6.44 -4.44 -2.89
CA SER A 94 6.12 -4.96 -4.21
C SER A 94 6.73 -6.33 -4.46
N ALA A 95 6.36 -6.93 -5.59
CA ALA A 95 6.86 -8.23 -5.99
C ALA A 95 7.04 -8.20 -7.50
N THR A 96 8.17 -8.74 -7.97
CA THR A 96 8.46 -8.74 -9.40
C THR A 96 8.66 -10.16 -9.92
N VAL A 97 8.07 -10.46 -11.07
CA VAL A 97 8.21 -11.78 -11.66
C VAL A 97 8.66 -11.71 -13.12
N THR A 98 9.63 -12.54 -13.46
CA THR A 98 10.15 -12.61 -14.82
C THR A 98 10.06 -14.06 -15.29
N LYS A 99 9.80 -14.26 -16.57
CA LYS A 99 9.72 -15.60 -17.13
C LYS A 99 11.02 -15.90 -17.86
N ASN A 100 11.61 -17.06 -17.57
CA ASN A 100 12.86 -17.51 -18.19
C ASN A 100 12.59 -18.73 -19.06
N TRP A 101 12.81 -18.60 -20.36
CA TRP A 101 12.58 -19.71 -21.28
C TRP A 101 13.85 -20.51 -21.53
N ASP A 102 13.89 -21.75 -21.05
CA ASP A 102 15.06 -22.60 -21.26
C ASP A 102 14.73 -23.60 -22.38
N ASP A 103 14.86 -23.14 -23.62
CA ASP A 103 14.58 -23.99 -24.76
C ASP A 103 15.50 -23.72 -25.94
N ASN A 104 16.74 -23.33 -25.65
CA ASN A 104 17.71 -23.05 -26.71
C ASN A 104 16.99 -22.21 -27.76
N ASN A 105 16.59 -21.00 -27.36
CA ASN A 105 15.84 -20.11 -28.26
C ASN A 105 14.57 -20.86 -28.60
N ASN A 106 13.87 -20.47 -29.66
CA ASN A 106 12.66 -21.19 -29.96
C ASN A 106 12.87 -22.35 -30.94
N GLN A 107 14.10 -22.86 -31.00
CA GLN A 107 14.42 -23.99 -31.87
C GLN A 107 13.33 -25.00 -31.51
N ASP A 108 12.55 -25.42 -32.50
CA ASP A 108 11.40 -26.31 -32.26
C ASP A 108 10.36 -25.32 -31.78
N GLY A 109 10.08 -24.33 -32.62
CA GLY A 109 9.11 -23.29 -32.28
C GLY A 109 7.82 -23.78 -31.67
N LYS A 110 7.88 -24.17 -30.40
CA LYS A 110 6.70 -24.65 -29.70
C LYS A 110 6.43 -23.74 -28.50
N ARG A 111 7.18 -22.64 -28.44
CA ARG A 111 7.05 -21.68 -27.35
C ARG A 111 5.74 -20.92 -27.47
N PRO A 112 4.93 -20.91 -26.42
CA PRO A 112 3.67 -20.18 -26.50
C PRO A 112 3.92 -18.67 -26.54
N THR A 113 2.98 -17.93 -27.13
CA THR A 113 3.11 -16.50 -27.24
C THR A 113 3.00 -15.79 -25.89
N GLU A 114 2.33 -16.43 -24.94
CA GLU A 114 2.17 -15.84 -23.61
C GLU A 114 1.81 -16.88 -22.57
N ILE A 115 2.05 -16.54 -21.31
CA ILE A 115 1.73 -17.42 -20.19
C ILE A 115 1.12 -16.58 -19.09
N LYS A 116 0.33 -17.23 -18.25
CA LYS A 116 -0.35 -16.56 -17.15
C LYS A 116 0.18 -17.08 -15.82
N VAL A 117 0.58 -16.16 -14.94
CA VAL A 117 1.08 -16.54 -13.62
C VAL A 117 0.22 -15.88 -12.56
N GLU A 118 0.28 -16.41 -11.35
CA GLU A 118 -0.50 -15.85 -10.26
C GLU A 118 0.34 -15.73 -9.01
N LEU A 119 0.08 -14.68 -8.24
CA LEU A 119 0.81 -14.44 -7.00
C LEU A 119 0.15 -15.18 -5.85
N TYR A 120 0.95 -15.82 -5.02
CA TYR A 120 0.44 -16.56 -3.86
C TYR A 120 0.98 -15.95 -2.57
N GLN A 121 0.10 -15.86 -1.59
CA GLN A 121 0.45 -15.30 -0.28
C GLN A 121 0.33 -16.41 0.75
N ASP A 122 1.42 -16.75 1.41
CA ASP A 122 1.41 -17.83 2.40
C ASP A 122 0.60 -19.01 1.89
N GLY A 123 0.91 -19.47 0.68
CA GLY A 123 0.21 -20.60 0.11
C GLY A 123 -1.19 -20.38 -0.43
N LYS A 124 -1.79 -19.23 -0.15
CA LYS A 124 -3.14 -18.98 -0.65
C LYS A 124 -3.11 -18.11 -1.91
N ALA A 125 -3.92 -18.47 -2.89
CA ALA A 125 -3.99 -17.70 -4.14
C ALA A 125 -4.45 -16.30 -3.74
N THR A 126 -3.96 -15.29 -4.43
CA THR A 126 -4.33 -13.91 -4.12
C THR A 126 -5.34 -13.37 -5.12
N GLY A 127 -5.36 -13.93 -6.32
CA GLY A 127 -6.27 -13.45 -7.34
C GLY A 127 -5.52 -12.50 -8.25
N LYS A 128 -4.37 -12.01 -7.77
CA LYS A 128 -3.55 -11.10 -8.57
C LYS A 128 -2.87 -11.91 -9.67
N THR A 129 -3.28 -11.67 -10.91
CA THR A 129 -2.71 -12.39 -12.04
C THR A 129 -1.95 -11.48 -12.98
N ALA A 130 -1.16 -12.10 -13.85
CA ALA A 130 -0.39 -11.36 -14.82
C ALA A 130 -0.23 -12.23 -16.04
N ILE A 131 -0.23 -11.61 -17.21
CA ILE A 131 -0.03 -12.33 -18.44
C ILE A 131 1.33 -11.86 -18.96
N LEU A 132 2.28 -12.77 -18.99
CA LEU A 132 3.62 -12.44 -19.46
C LEU A 132 3.82 -12.75 -20.94
N ASN A 133 4.35 -11.77 -21.67
CA ASN A 133 4.65 -11.97 -23.09
C ASN A 133 5.73 -10.99 -23.51
N GLU A 134 5.90 -10.83 -24.82
CA GLU A 134 6.92 -9.94 -25.35
C GLU A 134 6.61 -8.45 -25.13
N SER A 135 5.32 -8.10 -25.14
CA SER A 135 4.94 -6.71 -24.97
C SER A 135 5.45 -6.16 -23.66
N ASN A 136 5.62 -7.02 -22.66
CA ASN A 136 6.11 -6.56 -21.36
C ASN A 136 7.43 -7.23 -20.96
N ASN A 137 8.20 -7.65 -21.94
CA ASN A 137 9.50 -8.28 -21.70
C ASN A 137 9.41 -9.43 -20.70
N TRP A 138 8.26 -10.11 -20.70
CA TRP A 138 8.02 -11.24 -19.82
C TRP A 138 8.16 -10.89 -18.35
N THR A 139 7.92 -9.63 -18.02
CA THR A 139 8.01 -9.20 -16.63
C THR A 139 6.77 -8.43 -16.19
N HIS A 140 6.55 -8.43 -14.89
CA HIS A 140 5.45 -7.70 -14.27
C HIS A 140 5.72 -7.54 -12.79
N THR A 141 5.31 -6.40 -12.26
CA THR A 141 5.49 -6.08 -10.86
C THR A 141 4.14 -5.74 -10.23
N TRP A 142 3.85 -6.35 -9.09
CA TRP A 142 2.62 -6.11 -8.35
C TRP A 142 2.96 -5.19 -7.19
N THR A 143 2.00 -4.36 -6.79
CA THR A 143 2.22 -3.44 -5.67
C THR A 143 1.07 -3.60 -4.68
N GLY A 144 1.20 -2.96 -3.52
CA GLY A 144 0.17 -3.02 -2.51
C GLY A 144 0.13 -4.31 -1.70
N LEU A 145 1.26 -4.98 -1.59
CA LEU A 145 1.31 -6.24 -0.84
C LEU A 145 1.71 -6.01 0.62
N ASP A 146 0.98 -6.63 1.54
CA ASP A 146 1.29 -6.49 2.95
C ASP A 146 2.54 -7.30 3.28
N GLU A 147 3.40 -6.74 4.11
CA GLU A 147 4.62 -7.41 4.52
C GLU A 147 4.35 -8.33 5.71
N LYS A 148 3.37 -7.96 6.52
CA LYS A 148 3.02 -8.74 7.69
C LYS A 148 1.54 -9.10 7.72
N ALA A 149 1.23 -10.12 8.52
CA ALA A 149 -0.15 -10.60 8.68
C ALA A 149 -0.20 -11.04 10.14
N LYS A 150 -0.77 -10.19 10.99
CA LYS A 150 -0.86 -10.48 12.41
C LYS A 150 0.52 -10.79 13.01
N GLY A 151 1.44 -9.86 12.80
CA GLY A 151 2.80 -9.99 13.33
C GLY A 151 3.77 -10.90 12.60
N GLN A 152 3.29 -11.76 11.72
CA GLN A 152 4.19 -12.67 11.03
C GLN A 152 4.47 -12.23 9.58
N GLN A 153 5.73 -12.34 9.16
CA GLN A 153 6.08 -11.95 7.81
C GLN A 153 5.44 -12.89 6.82
N VAL A 154 4.74 -12.32 5.84
CA VAL A 154 4.08 -13.12 4.84
C VAL A 154 5.04 -13.48 3.72
N LYS A 155 4.97 -14.73 3.25
CA LYS A 155 5.83 -15.20 2.18
C LYS A 155 5.06 -15.20 0.88
N TYR A 156 5.65 -14.61 -0.14
CA TYR A 156 5.02 -14.55 -1.44
C TYR A 156 5.73 -15.47 -2.42
N THR A 157 4.96 -16.08 -3.31
CA THR A 157 5.54 -16.97 -4.31
C THR A 157 4.64 -16.88 -5.55
N VAL A 158 5.13 -17.39 -6.67
CA VAL A 158 4.36 -17.39 -7.90
C VAL A 158 4.24 -18.79 -8.45
N GLU A 159 3.18 -19.02 -9.19
CA GLU A 159 2.94 -20.29 -9.82
C GLU A 159 2.43 -20.02 -11.22
N GLU A 160 2.80 -20.88 -12.15
CA GLU A 160 2.36 -20.72 -13.52
C GLU A 160 0.99 -21.37 -13.67
N LEU A 161 0.06 -20.65 -14.28
CA LEU A 161 -1.29 -21.15 -14.47
C LEU A 161 -1.40 -21.84 -15.82
N THR A 162 -0.64 -21.35 -16.78
CA THR A 162 -0.66 -21.90 -18.13
C THR A 162 0.05 -23.26 -18.21
N LYS A 163 -0.65 -24.23 -18.76
CA LYS A 163 -0.09 -25.57 -18.93
C LYS A 163 0.63 -25.56 -20.28
N VAL A 164 1.96 -25.65 -20.24
CA VAL A 164 2.75 -25.63 -21.48
C VAL A 164 3.24 -27.02 -21.84
N LYS A 165 2.51 -27.72 -22.71
CA LYS A 165 2.94 -29.06 -23.09
C LYS A 165 4.35 -29.03 -23.66
N GLY A 166 5.19 -29.93 -23.17
CA GLY A 166 6.56 -29.98 -23.65
C GLY A 166 7.52 -29.29 -22.69
N TYR A 167 7.00 -28.38 -21.88
CA TYR A 167 7.84 -27.67 -20.94
C TYR A 167 7.61 -28.09 -19.48
N THR A 168 8.71 -28.16 -18.74
CA THR A 168 8.66 -28.51 -17.31
C THR A 168 8.83 -27.14 -16.64
N THR A 169 8.19 -26.95 -15.49
CA THR A 169 8.26 -25.64 -14.83
C THR A 169 8.86 -25.61 -13.43
N HIS A 170 9.81 -24.71 -13.21
CA HIS A 170 10.41 -24.54 -11.89
C HIS A 170 10.47 -23.07 -11.50
N VAL A 171 10.16 -22.77 -10.25
CA VAL A 171 10.14 -21.40 -9.76
C VAL A 171 11.11 -21.11 -8.64
N ASP A 172 11.81 -19.98 -8.74
CA ASP A 172 12.73 -19.55 -7.70
C ASP A 172 12.02 -18.42 -6.93
N ASN A 173 11.64 -18.69 -5.68
CA ASN A 173 10.95 -17.71 -4.82
C ASN A 173 11.82 -17.18 -3.69
N ASN A 174 13.14 -17.19 -3.85
CA ASN A 174 14.00 -16.71 -2.78
C ASN A 174 13.92 -15.23 -2.45
N ASP A 175 13.52 -14.40 -3.41
CA ASP A 175 13.39 -12.97 -3.17
C ASP A 175 12.19 -12.43 -3.94
N MET A 176 11.21 -11.90 -3.22
CA MET A 176 10.00 -11.37 -3.86
C MET A 176 10.32 -10.25 -4.84
N GLY A 177 11.55 -9.74 -4.78
CA GLY A 177 11.92 -8.69 -5.69
C GLY A 177 12.45 -9.24 -7.00
N ASN A 178 12.84 -10.52 -6.97
CA ASN A 178 13.41 -11.15 -8.15
C ASN A 178 12.87 -12.58 -8.34
N LEU A 179 11.56 -12.73 -8.26
CA LEU A 179 10.90 -14.02 -8.46
C LEU A 179 11.12 -14.41 -9.91
N ILE A 180 11.67 -15.60 -10.14
CA ILE A 180 11.95 -16.06 -11.50
C ILE A 180 11.31 -17.41 -11.82
N THR A 181 10.57 -17.45 -12.92
CA THR A 181 9.91 -18.66 -13.36
C THR A 181 10.58 -19.14 -14.65
N THR A 182 11.21 -20.31 -14.59
CA THR A 182 11.86 -20.82 -15.78
C THR A 182 11.13 -22.06 -16.29
N ASN A 183 10.87 -22.06 -17.59
CA ASN A 183 10.21 -23.19 -18.23
C ASN A 183 11.28 -23.87 -19.06
N LYS A 184 11.49 -25.15 -18.80
CA LYS A 184 12.50 -25.91 -19.52
C LYS A 184 11.83 -26.82 -20.54
N TYR A 185 12.33 -26.77 -21.77
CA TYR A 185 11.79 -27.57 -22.86
C TYR A 185 12.36 -28.99 -22.87
N THR A 186 11.49 -29.97 -22.67
CA THR A 186 11.91 -31.36 -22.63
C THR A 186 10.88 -32.21 -23.36
N PRO A 187 11.07 -32.43 -24.68
CA PRO A 187 10.13 -33.24 -25.47
C PRO A 187 9.87 -34.62 -24.87
N GLU B 1 -21.48 33.37 14.21
CA GLU B 1 -22.01 32.83 15.51
C GLU B 1 -22.49 31.39 15.41
N THR B 2 -23.15 31.05 14.31
CA THR B 2 -23.67 29.71 14.09
C THR B 2 -23.17 29.19 12.75
N THR B 3 -22.99 27.87 12.65
CA THR B 3 -22.51 27.29 11.40
C THR B 3 -23.18 25.93 11.18
N SER B 4 -23.00 25.36 9.99
CA SER B 4 -23.60 24.06 9.67
C SER B 4 -22.77 23.31 8.63
N SER B 5 -22.72 21.99 8.77
CA SER B 5 -21.97 21.17 7.82
C SER B 5 -22.90 20.30 6.99
N ILE B 6 -22.71 20.35 5.68
CA ILE B 6 -23.51 19.55 4.76
C ILE B 6 -22.59 18.79 3.84
N GLY B 7 -23.10 17.70 3.29
CA GLY B 7 -22.29 16.89 2.39
C GLY B 7 -23.13 15.77 1.82
N GLU B 8 -22.49 14.89 1.07
CA GLU B 8 -23.19 13.79 0.47
C GLU B 8 -22.41 12.49 0.49
N LYS B 9 -23.17 11.40 0.55
CA LYS B 9 -22.64 10.05 0.54
C LYS B 9 -22.65 9.58 -0.90
N VAL B 10 -21.49 9.24 -1.43
CA VAL B 10 -21.39 8.77 -2.79
C VAL B 10 -20.94 7.31 -2.84
N TRP B 11 -21.74 6.48 -3.52
CA TRP B 11 -21.43 5.06 -3.65
C TRP B 11 -20.76 4.76 -4.98
N ASP B 12 -19.67 4.01 -4.92
CA ASP B 12 -18.96 3.62 -6.12
C ASP B 12 -19.04 2.09 -6.11
N ASP B 13 -20.18 1.57 -6.55
CA ASP B 13 -20.42 0.12 -6.59
C ASP B 13 -21.34 -0.28 -7.76
N LYS B 14 -21.09 0.29 -8.94
CA LYS B 14 -21.90 0.01 -10.13
C LYS B 14 -23.40 0.02 -9.81
N ASP B 15 -23.80 1.02 -9.04
CA ASP B 15 -25.20 1.20 -8.64
C ASP B 15 -25.73 -0.02 -7.87
N ASN B 16 -24.93 -0.54 -6.94
CA ASN B 16 -25.30 -1.68 -6.12
C ASN B 16 -25.64 -2.90 -6.97
N GLN B 17 -24.74 -3.21 -7.89
CA GLN B 17 -24.88 -4.32 -8.82
C GLN B 17 -24.75 -5.67 -8.11
N ASP B 18 -24.02 -5.69 -7.01
CA ASP B 18 -23.82 -6.92 -6.25
C ASP B 18 -24.74 -6.98 -5.04
N GLY B 19 -25.55 -5.95 -4.86
CA GLY B 19 -26.47 -5.92 -3.75
C GLY B 19 -25.83 -6.05 -2.38
N LYS B 20 -24.72 -5.34 -2.18
CA LYS B 20 -24.02 -5.37 -0.90
C LYS B 20 -24.10 -4.01 -0.18
N ARG B 21 -24.71 -3.04 -0.84
CA ARG B 21 -24.86 -1.72 -0.26
C ARG B 21 -25.78 -1.80 0.95
N PRO B 22 -25.33 -1.31 2.11
CA PRO B 22 -26.13 -1.33 3.33
C PRO B 22 -27.29 -0.34 3.22
N GLU B 23 -28.28 -0.49 4.08
CA GLU B 23 -29.45 0.38 4.06
C GLU B 23 -29.17 1.79 4.59
N LYS B 24 -28.04 1.94 5.28
CA LYS B 24 -27.66 3.24 5.84
C LYS B 24 -26.20 3.26 6.29
N VAL B 25 -25.71 4.45 6.61
CA VAL B 25 -24.34 4.63 7.09
C VAL B 25 -24.31 5.68 8.18
N SER B 26 -23.41 5.51 9.14
CA SER B 26 -23.29 6.46 10.25
C SER B 26 -22.16 7.44 9.98
N VAL B 27 -22.53 8.71 9.86
CA VAL B 27 -21.58 9.77 9.62
C VAL B 27 -21.31 10.46 10.95
N ASN B 28 -20.04 10.62 11.29
CA ASN B 28 -19.68 11.27 12.55
C ASN B 28 -19.17 12.68 12.32
N LEU B 29 -19.58 13.59 13.19
CA LEU B 29 -19.14 14.98 13.12
C LEU B 29 -18.04 15.17 14.16
N LEU B 30 -16.87 15.59 13.72
CA LEU B 30 -15.77 15.83 14.64
C LEU B 30 -15.44 17.33 14.70
N ALA B 31 -15.43 17.85 15.93
CA ALA B 31 -15.10 19.25 16.16
C ALA B 31 -13.69 19.25 16.71
N ASN B 32 -12.73 19.58 15.85
CA ASN B 32 -11.32 19.59 16.22
C ASN B 32 -10.86 18.23 16.73
N GLY B 33 -11.25 17.18 16.01
CA GLY B 33 -10.86 15.82 16.36
C GLY B 33 -11.68 15.15 17.43
N GLU B 34 -12.72 15.82 17.93
CA GLU B 34 -13.56 15.25 18.96
C GLU B 34 -14.97 15.00 18.42
N LYS B 35 -15.41 13.76 18.54
CA LYS B 35 -16.73 13.35 18.07
C LYS B 35 -17.82 14.00 18.92
N VAL B 36 -18.61 14.88 18.31
CA VAL B 36 -19.67 15.57 19.03
C VAL B 36 -21.08 15.28 18.56
N LYS B 37 -21.23 14.60 17.43
CA LYS B 37 -22.57 14.27 16.93
C LYS B 37 -22.55 13.18 15.86
N THR B 38 -23.61 12.40 15.80
CA THR B 38 -23.72 11.33 14.80
C THR B 38 -24.94 11.57 13.92
N LEU B 39 -25.09 10.79 12.84
CA LEU B 39 -26.21 10.97 11.93
C LEU B 39 -26.37 9.78 10.97
N ASP B 40 -27.47 9.04 11.10
CA ASP B 40 -27.73 7.92 10.22
C ASP B 40 -28.22 8.48 8.88
N VAL B 41 -27.51 8.20 7.81
CA VAL B 41 -27.86 8.69 6.48
C VAL B 41 -28.41 7.58 5.59
N THR B 42 -29.58 7.82 5.01
CA THR B 42 -30.23 6.85 4.13
C THR B 42 -30.57 7.44 2.77
N SER B 43 -31.12 6.61 1.90
CA SER B 43 -31.51 7.06 0.56
C SER B 43 -32.78 7.88 0.70
N GLU B 44 -33.37 7.86 1.90
CA GLU B 44 -34.58 8.60 2.16
C GLU B 44 -34.27 10.09 2.08
N THR B 45 -33.01 10.43 2.31
CA THR B 45 -32.55 11.83 2.28
C THR B 45 -31.69 12.04 1.03
N ASN B 46 -31.64 11.02 0.18
CA ASN B 46 -30.86 11.07 -1.05
C ASN B 46 -29.36 10.99 -0.75
N TRP B 47 -29.02 10.29 0.32
CA TRP B 47 -27.64 10.14 0.75
C TRP B 47 -26.95 11.47 0.98
N LYS B 48 -27.70 12.42 1.54
CA LYS B 48 -27.20 13.74 1.86
C LYS B 48 -27.47 13.97 3.33
N TYR B 49 -26.59 14.69 4.01
CA TYR B 49 -26.77 14.97 5.43
C TYR B 49 -26.52 16.44 5.74
N GLU B 50 -26.78 16.82 6.99
CA GLU B 50 -26.57 18.19 7.43
C GLU B 50 -26.58 18.32 8.94
N PHE B 51 -25.51 18.88 9.50
CA PHE B 51 -25.42 19.10 10.94
C PHE B 51 -25.64 20.59 11.22
N LYS B 52 -26.87 21.05 11.04
CA LYS B 52 -27.21 22.46 11.23
C LYS B 52 -27.07 22.96 12.68
N ASP B 53 -27.04 24.29 12.81
CA ASP B 53 -26.93 24.95 14.10
C ASP B 53 -25.74 24.53 14.97
N LEU B 54 -24.55 24.77 14.46
CA LEU B 54 -23.34 24.42 15.19
C LEU B 54 -22.54 25.65 15.58
N PRO B 55 -22.10 25.70 16.84
CA PRO B 55 -21.31 26.84 17.31
C PRO B 55 -20.14 27.01 16.36
N LYS B 56 -19.89 28.23 15.91
CA LYS B 56 -18.79 28.49 14.97
C LYS B 56 -17.44 28.67 15.66
N TYR B 57 -17.46 29.03 16.93
CA TYR B 57 -16.22 29.23 17.68
C TYR B 57 -16.30 28.55 19.03
N ASP B 58 -15.15 28.12 19.54
CA ASP B 58 -15.13 27.49 20.85
C ASP B 58 -13.79 27.69 21.52
N GLU B 59 -13.83 28.28 22.70
CA GLU B 59 -12.66 28.57 23.50
C GLU B 59 -11.49 29.17 22.71
N GLY B 60 -11.77 30.26 22.00
CA GLY B 60 -10.74 30.94 21.26
C GLY B 60 -10.48 30.60 19.81
N LYS B 61 -11.14 29.59 19.26
CA LYS B 61 -10.88 29.28 17.86
C LYS B 61 -12.09 28.91 17.02
N LYS B 62 -11.96 29.10 15.71
CA LYS B 62 -13.03 28.75 14.80
C LYS B 62 -12.86 27.25 14.66
N ILE B 63 -13.80 26.51 15.20
CA ILE B 63 -13.78 25.05 15.19
C ILE B 63 -13.56 24.39 13.84
N GLU B 64 -12.59 23.48 13.79
CA GLU B 64 -12.29 22.74 12.57
C GLU B 64 -13.18 21.51 12.59
N TYR B 65 -14.26 21.54 11.81
CA TYR B 65 -15.18 20.41 11.73
C TYR B 65 -14.75 19.43 10.64
N THR B 66 -14.89 18.15 10.93
CA THR B 66 -14.58 17.12 9.93
C THR B 66 -15.56 15.97 10.10
N VAL B 67 -15.66 15.13 9.06
CA VAL B 67 -16.57 13.99 9.13
C VAL B 67 -15.82 12.69 8.89
N THR B 68 -16.32 11.64 9.53
CA THR B 68 -15.78 10.30 9.39
C THR B 68 -17.00 9.39 9.30
N GLU B 69 -16.79 8.19 8.78
CA GLU B 69 -17.90 7.25 8.64
C GLU B 69 -17.65 5.96 9.41
N ASP B 70 -18.70 5.44 10.04
CA ASP B 70 -18.56 4.20 10.79
C ASP B 70 -18.31 3.13 9.74
N HIS B 71 -17.46 2.18 10.08
CA HIS B 71 -17.09 1.08 9.19
C HIS B 71 -18.28 0.38 8.52
N VAL B 72 -18.20 0.15 7.21
CA VAL B 72 -19.27 -0.57 6.51
C VAL B 72 -18.61 -1.74 5.76
N LYS B 73 -19.06 -2.94 6.11
CA LYS B 73 -18.50 -4.16 5.54
C LYS B 73 -18.33 -4.19 4.04
N ASP B 74 -17.10 -4.50 3.62
CA ASP B 74 -16.78 -4.62 2.21
C ASP B 74 -16.62 -3.33 1.40
N TYR B 75 -16.60 -2.20 2.09
CA TYR B 75 -16.43 -0.94 1.40
C TYR B 75 -15.21 -0.21 1.95
N THR B 76 -14.51 0.46 1.05
CA THR B 76 -13.34 1.23 1.42
C THR B 76 -13.79 2.69 1.40
N THR B 77 -13.64 3.39 2.53
CA THR B 77 -14.07 4.78 2.63
C THR B 77 -12.99 5.82 2.29
N ASP B 78 -13.41 6.90 1.64
CA ASP B 78 -12.50 7.99 1.26
C ASP B 78 -13.22 9.31 1.54
N ILE B 79 -12.65 10.12 2.44
CA ILE B 79 -13.24 11.40 2.81
C ILE B 79 -12.55 12.59 2.13
N ASN B 80 -13.33 13.37 1.39
CA ASN B 80 -12.81 14.55 0.70
C ASN B 80 -13.70 15.71 1.11
N GLY B 81 -13.30 16.39 2.18
CA GLY B 81 -14.10 17.49 2.69
C GLY B 81 -15.29 16.86 3.39
N THR B 82 -16.50 17.24 3.01
CA THR B 82 -17.70 16.66 3.61
C THR B 82 -18.29 15.63 2.64
N THR B 83 -17.51 15.24 1.65
CA THR B 83 -17.94 14.26 0.67
C THR B 83 -17.30 12.90 0.99
N ILE B 84 -18.15 11.96 1.38
CA ILE B 84 -17.72 10.61 1.76
C ILE B 84 -17.97 9.62 0.64
N THR B 85 -16.92 9.11 0.02
CA THR B 85 -17.06 8.13 -1.05
C THR B 85 -16.74 6.73 -0.54
N ASN B 86 -17.67 5.80 -0.75
CA ASN B 86 -17.48 4.42 -0.33
C ASN B 86 -17.34 3.54 -1.58
N LYS B 87 -16.19 2.87 -1.70
CA LYS B 87 -15.96 2.00 -2.85
C LYS B 87 -16.11 0.53 -2.48
N TYR B 88 -16.81 -0.22 -3.33
CA TYR B 88 -17.03 -1.64 -3.08
C TYR B 88 -15.75 -2.45 -3.28
N THR B 89 -15.28 -3.06 -2.19
CA THR B 89 -14.06 -3.86 -2.20
C THR B 89 -14.25 -5.13 -1.37
N PRO B 90 -14.70 -6.21 -2.01
CA PRO B 90 -14.92 -7.46 -1.28
C PRO B 90 -13.72 -7.93 -0.48
N GLY B 91 -13.92 -8.16 0.82
CA GLY B 91 -12.85 -8.64 1.66
C GLY B 91 -11.93 -7.63 2.32
N GLU B 92 -12.06 -6.36 1.96
CA GLU B 92 -11.20 -5.35 2.56
C GLU B 92 -11.89 -4.01 2.81
N THR B 93 -11.28 -3.20 3.66
CA THR B 93 -11.81 -1.88 3.98
C THR B 93 -10.70 -0.90 4.29
N SER B 94 -11.11 0.19 4.92
CA SER B 94 -10.23 1.27 5.30
C SER B 94 -10.33 1.50 6.79
N ALA B 95 -9.41 2.30 7.32
CA ALA B 95 -9.37 2.64 8.73
C ALA B 95 -9.01 4.12 8.85
N THR B 96 -9.79 4.85 9.63
CA THR B 96 -9.53 6.27 9.81
C THR B 96 -9.20 6.62 11.24
N VAL B 97 -8.13 7.38 11.41
CA VAL B 97 -7.70 7.80 12.73
C VAL B 97 -7.60 9.33 12.76
N THR B 98 -8.04 9.95 13.86
CA THR B 98 -7.97 11.39 14.01
C THR B 98 -7.37 11.72 15.38
N LYS B 99 -6.48 12.70 15.42
CA LYS B 99 -5.87 13.10 16.66
C LYS B 99 -6.72 14.17 17.31
N ASN B 100 -7.03 13.98 18.58
CA ASN B 100 -7.83 14.92 19.34
C ASN B 100 -6.93 15.57 20.39
N TRP B 101 -6.63 16.85 20.21
CA TRP B 101 -5.80 17.55 21.18
C TRP B 101 -6.69 18.23 22.21
N ASP B 102 -6.48 17.87 23.47
CA ASP B 102 -7.23 18.44 24.57
C ASP B 102 -6.22 19.19 25.46
N ASP B 103 -5.86 20.41 25.05
CA ASP B 103 -4.90 21.22 25.78
C ASP B 103 -5.25 22.70 25.75
N ASN B 104 -6.54 22.99 25.65
CA ASN B 104 -7.02 24.36 25.63
C ASN B 104 -6.41 25.11 24.45
N ASN B 105 -6.61 24.55 23.26
CA ASN B 105 -6.10 25.14 22.04
C ASN B 105 -4.61 25.46 22.14
N ASN B 106 -3.87 24.55 22.78
CA ASN B 106 -2.42 24.68 22.94
C ASN B 106 -2.01 26.04 23.54
N GLN B 107 -2.69 26.46 24.59
CA GLN B 107 -2.41 27.73 25.25
C GLN B 107 -0.98 27.83 25.81
N ASP B 108 -0.46 26.72 26.32
CA ASP B 108 0.88 26.69 26.88
C ASP B 108 2.00 26.45 25.86
N GLY B 109 1.62 26.17 24.62
CA GLY B 109 2.61 25.94 23.58
C GLY B 109 3.44 24.68 23.75
N LYS B 110 2.85 23.65 24.35
CA LYS B 110 3.55 22.40 24.56
C LYS B 110 3.23 21.32 23.53
N ARG B 111 2.37 21.65 22.55
CA ARG B 111 1.98 20.68 21.52
C ARG B 111 3.12 20.42 20.52
N PRO B 112 3.45 19.15 20.29
CA PRO B 112 4.49 18.58 19.42
C PRO B 112 4.72 19.10 18.00
N THR B 113 3.66 19.30 17.23
CA THR B 113 3.77 19.74 15.82
C THR B 113 3.65 18.50 14.92
N GLU B 114 3.99 17.34 15.46
CA GLU B 114 3.88 16.08 14.73
C GLU B 114 3.92 14.84 15.63
N ILE B 115 3.12 13.83 15.29
CA ILE B 115 3.09 12.58 16.05
C ILE B 115 2.94 11.40 15.07
N LYS B 116 3.46 10.24 15.46
CA LYS B 116 3.37 9.04 14.64
C LYS B 116 2.49 7.96 15.25
N VAL B 117 1.58 7.42 14.46
CA VAL B 117 0.69 6.37 14.93
C VAL B 117 0.91 5.14 14.06
N GLU B 118 0.53 3.96 14.56
CA GLU B 118 0.69 2.73 13.81
C GLU B 118 -0.54 1.83 13.94
N LEU B 119 -0.93 1.23 12.82
CA LEU B 119 -2.08 0.34 12.76
C LEU B 119 -1.73 -1.04 13.30
N TYR B 120 -2.57 -1.59 14.17
CA TYR B 120 -2.36 -2.93 14.72
C TYR B 120 -3.45 -3.88 14.25
N GLN B 121 -3.03 -5.11 13.99
CA GLN B 121 -3.93 -6.15 13.53
C GLN B 121 -4.01 -7.16 14.67
N ASP B 122 -5.19 -7.31 15.26
CA ASP B 122 -5.37 -8.23 16.39
C ASP B 122 -4.23 -8.09 17.39
N GLY B 123 -3.95 -6.86 17.80
CA GLY B 123 -2.90 -6.62 18.78
C GLY B 123 -1.47 -6.76 18.30
N LYS B 124 -1.28 -6.94 17.00
CA LYS B 124 0.06 -7.09 16.44
C LYS B 124 0.39 -5.96 15.47
N ALA B 125 1.62 -5.46 15.58
CA ALA B 125 2.11 -4.37 14.73
C ALA B 125 2.15 -4.75 13.24
N THR B 126 1.54 -3.92 12.41
CA THR B 126 1.49 -4.16 10.98
C THR B 126 2.65 -3.49 10.23
N GLY B 127 3.25 -2.49 10.85
CA GLY B 127 4.35 -1.78 10.21
C GLY B 127 3.84 -0.56 9.45
N LYS B 128 2.52 -0.49 9.30
CA LYS B 128 1.88 0.63 8.60
C LYS B 128 1.73 1.84 9.51
N THR B 129 2.72 2.71 9.49
CA THR B 129 2.70 3.91 10.29
C THR B 129 2.23 5.09 9.45
N ALA B 130 1.94 6.19 10.13
CA ALA B 130 1.49 7.40 9.48
C ALA B 130 1.85 8.57 10.39
N ILE B 131 2.06 9.73 9.79
CA ILE B 131 2.40 10.89 10.58
C ILE B 131 1.31 11.90 10.50
N LEU B 132 0.85 12.33 11.67
CA LEU B 132 -0.22 13.31 11.74
C LEU B 132 0.33 14.67 12.14
N ASN B 133 -0.21 15.72 11.53
CA ASN B 133 0.20 17.09 11.81
C ASN B 133 -0.88 18.04 11.35
N GLU B 134 -0.62 19.34 11.51
CA GLU B 134 -1.57 20.37 11.13
C GLU B 134 -1.91 20.37 9.65
N SER B 135 -0.93 20.02 8.82
CA SER B 135 -1.11 19.99 7.37
C SER B 135 -2.25 19.06 6.92
N ASN B 136 -2.24 17.82 7.40
CA ASN B 136 -3.28 16.88 7.00
C ASN B 136 -4.50 16.86 7.92
N ASN B 137 -4.53 17.79 8.87
CA ASN B 137 -5.64 17.88 9.82
C ASN B 137 -5.64 16.79 10.88
N TRP B 138 -4.45 16.30 11.23
CA TRP B 138 -4.30 15.25 12.23
C TRP B 138 -5.19 14.05 11.94
N THR B 139 -5.37 13.72 10.67
CA THR B 139 -6.20 12.60 10.26
C THR B 139 -5.50 11.78 9.19
N HIS B 140 -5.87 10.52 9.08
CA HIS B 140 -5.26 9.65 8.09
C HIS B 140 -6.12 8.40 7.87
N THR B 141 -6.17 7.95 6.63
CA THR B 141 -6.94 6.76 6.28
C THR B 141 -6.11 5.71 5.57
N TRP B 142 -6.09 4.51 6.13
CA TRP B 142 -5.36 3.39 5.55
C TRP B 142 -6.37 2.62 4.70
N THR B 143 -5.94 2.07 3.57
CA THR B 143 -6.82 1.30 2.71
C THR B 143 -6.20 -0.06 2.46
N GLY B 144 -6.93 -0.94 1.78
CA GLY B 144 -6.42 -2.28 1.49
C GLY B 144 -6.28 -3.16 2.72
N LEU B 145 -7.13 -2.97 3.71
CA LEU B 145 -7.06 -3.79 4.93
C LEU B 145 -7.98 -5.00 4.89
N ASP B 146 -7.42 -6.19 5.07
CA ASP B 146 -8.24 -7.40 5.08
C ASP B 146 -9.17 -7.37 6.28
N GLU B 147 -10.42 -7.72 6.05
CA GLU B 147 -11.40 -7.75 7.13
C GLU B 147 -11.31 -9.06 7.89
N LYS B 148 -10.81 -10.10 7.23
CA LYS B 148 -10.71 -11.42 7.83
C LYS B 148 -9.36 -12.10 7.77
N ALA B 149 -9.13 -12.97 8.75
CA ALA B 149 -7.90 -13.75 8.85
C ALA B 149 -8.31 -15.11 9.39
N LYS B 150 -7.89 -16.17 8.71
CA LYS B 150 -8.22 -17.53 9.13
C LYS B 150 -9.72 -17.69 9.34
N GLY B 151 -10.51 -17.02 8.50
CA GLY B 151 -11.95 -17.10 8.60
C GLY B 151 -12.58 -16.29 9.72
N GLN B 152 -11.76 -15.59 10.49
CA GLN B 152 -12.25 -14.78 11.61
C GLN B 152 -12.03 -13.27 11.42
N GLN B 153 -13.01 -12.48 11.84
CA GLN B 153 -12.90 -11.03 11.72
C GLN B 153 -11.66 -10.54 12.46
N VAL B 154 -10.97 -9.57 11.86
CA VAL B 154 -9.79 -9.00 12.46
C VAL B 154 -10.12 -7.71 13.20
N LYS B 155 -9.51 -7.54 14.36
CA LYS B 155 -9.71 -6.33 15.16
C LYS B 155 -8.56 -5.37 14.88
N TYR B 156 -8.90 -4.18 14.36
CA TYR B 156 -7.89 -3.17 14.05
C TYR B 156 -7.82 -2.10 15.14
N THR B 157 -6.61 -1.72 15.52
CA THR B 157 -6.43 -0.69 16.52
C THR B 157 -5.26 0.21 16.13
N VAL B 158 -5.16 1.35 16.79
CA VAL B 158 -4.08 2.28 16.55
C VAL B 158 -3.33 2.52 17.84
N GLU B 159 -2.03 2.72 17.69
CA GLU B 159 -1.19 3.00 18.83
C GLU B 159 -0.35 4.22 18.48
N GLU B 160 -0.17 5.10 19.45
CA GLU B 160 0.63 6.29 19.24
C GLU B 160 2.05 5.95 19.65
N LEU B 161 2.96 6.00 18.68
CA LEU B 161 4.37 5.69 18.91
C LEU B 161 5.09 6.83 19.61
N THR B 162 4.81 8.06 19.18
CA THR B 162 5.43 9.25 19.74
C THR B 162 5.08 9.47 21.22
N LYS B 163 6.10 9.66 22.03
CA LYS B 163 5.88 9.92 23.46
C LYS B 163 5.71 11.42 23.57
N VAL B 164 4.55 11.87 24.05
CA VAL B 164 4.30 13.30 24.18
C VAL B 164 4.47 13.79 25.61
N LYS B 165 5.57 14.49 25.86
CA LYS B 165 5.87 15.02 27.19
C LYS B 165 4.75 15.91 27.72
N GLY B 166 4.34 15.63 28.95
CA GLY B 166 3.29 16.41 29.59
C GLY B 166 1.88 16.00 29.23
N TYR B 167 1.74 15.02 28.33
CA TYR B 167 0.43 14.56 27.89
C TYR B 167 0.14 13.10 28.22
N THR B 168 -1.14 12.80 28.44
CA THR B 168 -1.56 11.43 28.68
C THR B 168 -2.45 11.07 27.51
N THR B 169 -2.24 9.88 26.94
CA THR B 169 -2.98 9.45 25.77
C THR B 169 -4.02 8.35 26.00
N HIS B 170 -5.12 8.43 25.26
CA HIS B 170 -6.18 7.43 25.32
C HIS B 170 -6.67 7.18 23.91
N VAL B 171 -6.95 5.93 23.60
CA VAL B 171 -7.41 5.58 22.28
C VAL B 171 -8.79 4.95 22.28
N ASP B 172 -9.63 5.43 21.38
CA ASP B 172 -10.96 4.88 21.23
C ASP B 172 -10.86 4.02 19.97
N ASN B 173 -10.86 2.70 20.16
CA ASN B 173 -10.75 1.75 19.06
C ASN B 173 -12.03 1.01 18.74
N ASN B 174 -13.18 1.58 19.10
CA ASN B 174 -14.46 0.91 18.87
C ASN B 174 -14.89 0.67 17.43
N ASP B 175 -14.62 1.62 16.55
CA ASP B 175 -14.99 1.45 15.14
C ASP B 175 -13.78 1.85 14.30
N MET B 176 -13.26 0.92 13.49
CA MET B 176 -12.11 1.21 12.66
C MET B 176 -12.29 2.38 11.70
N GLY B 177 -13.54 2.76 11.44
CA GLY B 177 -13.79 3.87 10.54
C GLY B 177 -13.71 5.22 11.25
N ASN B 178 -13.64 5.18 12.57
CA ASN B 178 -13.59 6.39 13.38
C ASN B 178 -12.66 6.20 14.59
N LEU B 179 -11.42 5.79 14.32
CA LEU B 179 -10.46 5.60 15.40
C LEU B 179 -10.03 6.99 15.86
N ILE B 180 -10.02 7.21 17.17
CA ILE B 180 -9.65 8.51 17.69
C ILE B 180 -8.62 8.44 18.81
N THR B 181 -7.51 9.14 18.61
CA THR B 181 -6.46 9.19 19.61
C THR B 181 -6.59 10.52 20.33
N THR B 182 -6.75 10.46 21.65
CA THR B 182 -6.87 11.67 22.45
C THR B 182 -5.65 11.94 23.33
N ASN B 183 -5.17 13.17 23.29
CA ASN B 183 -4.03 13.59 24.08
C ASN B 183 -4.47 14.71 24.98
N LYS B 184 -4.51 14.44 26.27
CA LYS B 184 -4.93 15.46 27.22
C LYS B 184 -3.71 16.05 27.89
N TYR B 185 -3.64 17.38 27.89
CA TYR B 185 -2.52 18.07 28.50
C TYR B 185 -2.67 18.03 30.01
N THR B 186 -1.74 17.33 30.64
CA THR B 186 -1.72 17.18 32.08
C THR B 186 -0.32 17.58 32.51
N PRO B 187 -0.10 18.89 32.71
CA PRO B 187 1.21 19.42 33.11
C PRO B 187 1.87 18.62 34.23
#